data_5GID
#
_entry.id   5GID
#
_cell.length_a   154.510
_cell.length_b   42.345
_cell.length_c   42.320
_cell.angle_alpha   90.00
_cell.angle_beta   96.46
_cell.angle_gamma   90.00
#
_symmetry.space_group_name_H-M   'C 1 2 1'
#
loop_
_entity.id
_entity.type
_entity.pdbx_description
1 polymer 'Vitamin D3 receptor'
2 polymer SRC1
3 non-polymer (3R,5S)-5-[(2R)-2-[(1R,3aS,4E,7aR)-7a-methyl-4-[(2Z)-2-[(3S,5R)-2-methylidene-3,5-bis(oxidanyl)cyclohexylidene]ethylidene]-2,3,3a,5,6,7-hexahydro-1H-inden-1-yl]propyl]-3-methyl-3-oxidanyl-1-(4-phenylbutyl)pyrrolidin-2-one
4 water water
#
loop_
_entity_poly.entity_id
_entity_poly.type
_entity_poly.pdbx_seq_one_letter_code
_entity_poly.pdbx_strand_id
1 'polypeptide(L)'
;LSEEQQHIIAILLDAHHKTYDPTYADFRDFRPPVRMDGSTGSVTLDLSPLSMLPHLADLVSYSIQKVIGFAKMIPGFRDL
TSDDQIVLLKSSAIEVIMLRSNQSFTMDDMSWDCGSQDYKYDVTDVSKAGHTLELIEPLIKFQVGLKKLNLHEEEHVLLM
AICIVSPDRPGVQDAKLVEAIQDRLSNTLQTYIRCRHPPPGSHQLYAKMIQKLADLRSLNEEHSKQYRSLSFQPENSMKL
TPLVLEVFG
;
A
2 'polypeptide(L)' NHPMLMNLL C
#
# COMPACT_ATOMS: atom_id res chain seq x y z
N LEU A 1 -18.34 15.09 8.51
CA LEU A 1 -18.64 15.90 9.68
C LEU A 1 -19.80 15.29 10.45
N SER A 2 -20.44 14.29 9.83
CA SER A 2 -21.49 13.56 10.52
C SER A 2 -20.90 12.65 11.60
N GLU A 3 -21.77 12.23 12.52
CA GLU A 3 -21.34 11.30 13.56
C GLU A 3 -20.81 10.00 12.93
N GLU A 4 -21.47 9.53 11.87
CA GLU A 4 -20.99 8.33 11.19
C GLU A 4 -19.63 8.55 10.56
N GLN A 5 -19.41 9.72 9.97
CA GLN A 5 -18.13 9.99 9.32
C GLN A 5 -16.99 10.05 10.33
N GLN A 6 -17.22 10.68 11.48
CA GLN A 6 -16.20 10.69 12.52
C GLN A 6 -15.92 9.28 13.03
N HIS A 7 -16.95 8.43 13.08
CA HIS A 7 -16.77 7.04 13.48
C HIS A 7 -15.80 6.34 12.52
N ILE A 8 -16.00 6.53 11.22
CA ILE A 8 -15.15 5.90 10.22
C ILE A 8 -13.70 6.35 10.39
N ILE A 9 -13.49 7.65 10.63
CA ILE A 9 -12.14 8.17 10.75
C ILE A 9 -11.44 7.62 11.98
N ALA A 10 -12.16 7.52 13.11
CA ALA A 10 -11.57 6.97 14.32
C ALA A 10 -11.20 5.50 14.14
N ILE A 11 -12.04 4.73 13.45
CA ILE A 11 -11.74 3.33 13.21
C ILE A 11 -10.51 3.18 12.32
N LEU A 12 -10.44 3.97 11.24
CA LEU A 12 -9.33 3.83 10.30
C LEU A 12 -8.02 4.28 10.91
N LEU A 13 -8.05 5.31 11.76
CA LEU A 13 -6.83 5.73 12.45
C LEU A 13 -6.32 4.64 13.38
N ASP A 14 -7.21 4.09 14.22
CA ASP A 14 -6.81 3.03 15.13
C ASP A 14 -6.34 1.80 14.36
N ALA A 15 -7.03 1.47 13.27
CA ALA A 15 -6.63 0.33 12.45
C ALA A 15 -5.22 0.53 11.89
N HIS A 16 -4.90 1.75 11.47
CA HIS A 16 -3.56 2.03 10.97
C HIS A 16 -2.53 1.90 12.08
N HIS A 17 -2.83 2.43 13.26
CA HIS A 17 -1.88 2.38 14.36
C HIS A 17 -1.63 0.95 14.82
N LYS A 18 -2.59 0.05 14.58
CA LYS A 18 -2.41 -1.35 14.93
C LYS A 18 -1.63 -2.13 13.88
N THR A 19 -1.52 -1.61 12.66
CA THR A 19 -0.88 -2.34 11.57
C THR A 19 0.37 -1.67 11.03
N TYR A 20 0.75 -0.50 11.53
CA TYR A 20 1.96 0.18 11.10
C TYR A 20 2.78 0.54 12.33
N ASP A 21 3.95 -0.09 12.47
CA ASP A 21 4.82 0.11 13.61
C ASP A 21 5.85 1.19 13.27
N PRO A 22 5.74 2.40 13.81
CA PRO A 22 6.75 3.42 13.51
C PRO A 22 8.11 3.12 14.10
N THR A 23 8.20 2.21 15.07
CA THR A 23 9.50 1.80 15.58
C THR A 23 10.21 0.82 14.66
N TYR A 24 9.47 0.13 13.80
CA TYR A 24 10.01 -0.86 12.87
C TYR A 24 10.76 -1.97 13.60
N ALA A 25 10.26 -2.33 14.79
CA ALA A 25 10.97 -3.30 15.62
C ALA A 25 11.03 -4.67 14.96
N ASP A 26 10.02 -5.05 14.19
CA ASP A 26 9.96 -6.39 13.62
C ASP A 26 10.94 -6.61 12.48
N PHE A 27 11.63 -5.57 12.02
CA PHE A 27 12.55 -5.72 10.90
C PHE A 27 13.74 -6.61 11.25
N ARG A 28 14.01 -6.82 12.54
CA ARG A 28 15.06 -7.75 12.93
C ARG A 28 14.72 -9.18 12.54
N ASP A 29 13.42 -9.50 12.44
CA ASP A 29 13.00 -10.84 12.08
C ASP A 29 13.24 -11.16 10.62
N PHE A 30 13.37 -10.15 9.76
CA PHE A 30 13.58 -10.39 8.34
C PHE A 30 14.95 -11.02 8.09
N ARG A 31 15.08 -11.70 6.96
CA ARG A 31 16.39 -12.12 6.50
C ARG A 31 17.28 -10.90 6.32
N PRO A 32 18.58 -11.03 6.58
CA PRO A 32 19.44 -9.85 6.70
C PRO A 32 19.66 -9.17 5.37
N PRO A 33 19.66 -7.83 5.35
CA PRO A 33 19.99 -7.12 4.11
C PRO A 33 21.49 -7.17 3.84
N VAL A 34 21.85 -7.36 2.57
CA VAL A 34 23.24 -7.30 2.15
C VAL A 34 23.35 -6.33 0.98
N ARG A 35 24.40 -5.51 0.99
CA ARG A 35 24.59 -4.45 0.01
C ARG A 35 25.96 -4.63 -0.63
N MET A 36 25.98 -5.16 -1.84
CA MET A 36 27.24 -5.44 -2.54
C MET A 36 27.79 -4.20 -3.22
N PRO A 49 23.80 -7.83 -7.23
CA PRO A 49 22.72 -7.59 -8.19
C PRO A 49 21.33 -7.79 -7.57
N LEU A 50 21.08 -8.98 -7.04
CA LEU A 50 19.86 -9.28 -6.30
C LEU A 50 20.15 -9.49 -4.82
N SER A 51 21.19 -8.81 -4.33
CA SER A 51 21.64 -8.97 -2.95
C SER A 51 20.54 -8.63 -1.95
N MET A 52 19.69 -7.66 -2.27
CA MET A 52 18.66 -7.20 -1.34
C MET A 52 17.37 -8.03 -1.41
N LEU A 53 17.27 -8.97 -2.36
CA LEU A 53 16.01 -9.69 -2.54
C LEU A 53 15.51 -10.38 -1.28
N PRO A 54 16.31 -11.20 -0.58
CA PRO A 54 15.74 -11.90 0.60
C PRO A 54 15.22 -10.95 1.66
N HIS A 55 15.92 -9.87 1.95
CA HIS A 55 15.46 -8.92 2.96
C HIS A 55 14.19 -8.21 2.49
N LEU A 56 14.20 -7.70 1.26
CA LEU A 56 13.04 -6.94 0.78
C LEU A 56 11.85 -7.85 0.53
N ALA A 57 12.08 -9.10 0.12
CA ALA A 57 10.97 -10.05 -0.01
C ALA A 57 10.28 -10.26 1.33
N ASP A 58 11.06 -10.38 2.41
CA ASP A 58 10.48 -10.49 3.74
C ASP A 58 9.80 -9.19 4.16
N LEU A 59 10.33 -8.05 3.72
CA LEU A 59 9.68 -6.77 4.03
C LEU A 59 8.30 -6.70 3.38
N VAL A 60 8.22 -7.04 2.10
CA VAL A 60 6.95 -7.02 1.38
C VAL A 60 5.96 -8.01 2.00
N SER A 61 6.43 -9.23 2.26
CA SER A 61 5.56 -10.25 2.84
C SER A 61 5.01 -9.81 4.19
N TYR A 62 5.87 -9.24 5.03
CA TYR A 62 5.41 -8.67 6.30
C TYR A 62 4.37 -7.58 6.06
N SER A 63 4.63 -6.68 5.10
CA SER A 63 3.72 -5.57 4.84
C SER A 63 2.39 -6.04 4.26
N ILE A 64 2.39 -7.12 3.49
CA ILE A 64 1.14 -7.67 2.98
C ILE A 64 0.25 -8.08 4.15
N GLN A 65 0.83 -8.76 5.14
CA GLN A 65 0.06 -9.14 6.33
C GLN A 65 -0.54 -7.92 7.01
N LYS A 66 0.24 -6.83 7.11
CA LYS A 66 -0.27 -5.63 7.76
C LYS A 66 -1.35 -4.95 6.93
N VAL A 67 -1.23 -5.00 5.59
CA VAL A 67 -2.26 -4.42 4.74
C VAL A 67 -3.57 -5.18 4.87
N ILE A 68 -3.48 -6.52 4.91
CA ILE A 68 -4.67 -7.34 5.17
C ILE A 68 -5.26 -6.98 6.52
N GLY A 69 -4.41 -6.77 7.53
CA GLY A 69 -4.91 -6.42 8.84
C GLY A 69 -5.60 -5.08 8.88
N PHE A 70 -5.06 -4.10 8.17
CA PHE A 70 -5.75 -2.83 8.00
C PHE A 70 -7.06 -3.01 7.24
N ALA A 71 -7.02 -3.79 6.15
CA ALA A 71 -8.20 -3.96 5.31
C ALA A 71 -9.37 -4.55 6.09
N LYS A 72 -9.10 -5.48 7.01
CA LYS A 72 -10.16 -6.13 7.78
C LYS A 72 -10.98 -5.12 8.57
N MET A 73 -10.34 -4.06 9.06
CA MET A 73 -10.99 -3.10 9.93
C MET A 73 -11.78 -2.04 9.19
N ILE A 74 -11.70 -1.99 7.86
CA ILE A 74 -12.42 -0.97 7.09
C ILE A 74 -13.92 -1.19 7.23
N PRO A 75 -14.68 -0.18 7.64
CA PRO A 75 -16.13 -0.36 7.81
C PRO A 75 -16.81 -0.76 6.51
N GLY A 76 -17.48 -1.91 6.54
CA GLY A 76 -18.13 -2.47 5.38
C GLY A 76 -17.36 -3.57 4.69
N PHE A 77 -16.05 -3.67 4.92
CA PHE A 77 -15.24 -4.67 4.25
C PHE A 77 -15.64 -6.08 4.64
N ARG A 78 -15.89 -6.30 5.94
CA ARG A 78 -16.29 -7.63 6.39
C ARG A 78 -17.65 -8.04 5.82
N ASP A 79 -18.50 -7.06 5.53
CA ASP A 79 -19.81 -7.35 4.94
C ASP A 79 -19.70 -7.91 3.52
N LEU A 80 -18.53 -7.84 2.91
CA LEU A 80 -18.31 -8.36 1.56
C LEU A 80 -18.19 -9.89 1.60
N THR A 81 -18.31 -10.49 0.41
CA THR A 81 -18.08 -11.92 0.31
C THR A 81 -16.57 -12.22 0.41
N SER A 82 -16.27 -13.46 0.78
CA SER A 82 -14.89 -13.86 0.97
C SER A 82 -14.08 -13.73 -0.31
N ASP A 83 -14.71 -13.97 -1.46
CA ASP A 83 -13.98 -13.95 -2.72
C ASP A 83 -13.73 -12.53 -3.22
N ASP A 84 -14.69 -11.62 -2.99
CA ASP A 84 -14.42 -10.22 -3.30
C ASP A 84 -13.34 -9.64 -2.41
N GLN A 85 -13.27 -10.07 -1.14
CA GLN A 85 -12.19 -9.61 -0.26
C GLN A 85 -10.82 -10.04 -0.78
N ILE A 86 -10.76 -11.20 -1.43
CA ILE A 86 -9.49 -11.69 -1.96
C ILE A 86 -9.11 -10.93 -3.23
N VAL A 87 -10.07 -10.74 -4.12
CA VAL A 87 -9.82 -9.96 -5.33
C VAL A 87 -9.34 -8.56 -4.99
N LEU A 88 -10.00 -7.91 -4.02
CA LEU A 88 -9.61 -6.54 -3.66
C LEU A 88 -8.20 -6.49 -3.08
N LEU A 89 -7.84 -7.48 -2.26
CA LEU A 89 -6.52 -7.45 -1.63
C LEU A 89 -5.43 -7.85 -2.61
N LYS A 90 -5.71 -8.80 -3.50
CA LYS A 90 -4.69 -9.21 -4.47
C LYS A 90 -4.30 -8.07 -5.39
N SER A 91 -5.28 -7.29 -5.84
CA SER A 91 -4.98 -6.23 -6.80
C SER A 91 -4.46 -4.96 -6.12
N SER A 92 -4.79 -4.73 -4.85
CA SER A 92 -4.44 -3.48 -4.20
C SER A 92 -3.26 -3.58 -3.25
N ALA A 93 -2.80 -4.79 -2.91
CA ALA A 93 -1.79 -4.95 -1.87
C ALA A 93 -0.56 -4.09 -2.17
N ILE A 94 -0.03 -4.19 -3.39
CA ILE A 94 1.17 -3.44 -3.74
C ILE A 94 0.89 -1.95 -3.80
N GLU A 95 -0.34 -1.56 -4.14
CA GLU A 95 -0.66 -0.13 -4.17
C GLU A 95 -0.74 0.44 -2.76
N VAL A 96 -1.33 -0.30 -1.82
CA VAL A 96 -1.36 0.17 -0.44
C VAL A 96 0.04 0.16 0.15
N ILE A 97 0.87 -0.81 -0.25
CA ILE A 97 2.25 -0.87 0.22
C ILE A 97 3.00 0.39 -0.22
N MET A 98 2.85 0.77 -1.48
CA MET A 98 3.48 2.00 -1.96
C MET A 98 2.94 3.23 -1.23
N LEU A 99 1.62 3.26 -1.00
CA LEU A 99 1.02 4.37 -0.24
C LEU A 99 1.57 4.42 1.18
N ARG A 100 1.44 3.32 1.92
CA ARG A 100 1.82 3.32 3.32
C ARG A 100 3.33 3.50 3.52
N SER A 101 4.13 3.24 2.48
CA SER A 101 5.57 3.46 2.58
C SER A 101 5.94 4.93 2.61
N ASN A 102 5.03 5.83 2.21
CA ASN A 102 5.33 7.25 2.23
C ASN A 102 5.60 7.76 3.64
N GLN A 103 5.16 7.03 4.67
CA GLN A 103 5.44 7.45 6.04
C GLN A 103 6.92 7.36 6.36
N SER A 104 7.61 6.35 5.81
CA SER A 104 9.05 6.22 6.01
C SER A 104 9.87 6.89 4.92
N PHE A 105 9.24 7.31 3.82
CA PHE A 105 9.97 7.97 2.75
C PHE A 105 10.36 9.38 3.16
N THR A 106 11.61 9.75 2.91
CA THR A 106 12.15 11.06 3.23
C THR A 106 12.64 11.73 1.95
N MET A 107 12.39 13.04 1.84
CA MET A 107 12.83 13.79 0.68
C MET A 107 14.24 14.34 0.81
N ASP A 108 14.87 14.21 1.98
CA ASP A 108 16.24 14.66 2.15
C ASP A 108 17.17 13.94 1.19
N ASP A 109 17.19 12.61 1.26
CA ASP A 109 18.02 11.80 0.39
C ASP A 109 17.21 10.90 -0.53
N MET A 110 15.89 11.11 -0.63
CA MET A 110 15.01 10.33 -1.49
C MET A 110 15.12 8.84 -1.19
N SER A 111 14.85 8.49 0.07
CA SER A 111 14.97 7.13 0.53
C SER A 111 13.89 6.83 1.57
N TRP A 112 13.58 5.55 1.70
CA TRP A 112 12.73 5.05 2.77
C TRP A 112 13.62 4.75 3.98
N ASP A 113 13.52 5.58 5.02
CA ASP A 113 14.37 5.47 6.20
C ASP A 113 13.56 4.85 7.33
N CYS A 114 13.82 3.59 7.63
CA CYS A 114 13.07 2.84 8.63
C CYS A 114 13.82 2.73 9.95
N GLY A 115 14.55 3.77 10.36
CA GLY A 115 15.11 3.86 11.68
C GLY A 115 16.59 3.59 11.80
N SER A 116 17.17 2.80 10.91
CA SER A 116 18.58 2.47 10.98
C SER A 116 19.20 2.51 9.59
N GLN A 117 20.51 2.72 9.54
CA GLN A 117 21.21 2.75 8.26
C GLN A 117 21.04 1.44 7.51
N ASP A 118 21.04 0.31 8.24
CA ASP A 118 20.77 -0.96 7.60
C ASP A 118 19.37 -1.01 7.00
N TYR A 119 18.41 -0.34 7.61
CA TYR A 119 17.02 -0.33 7.15
C TYR A 119 16.67 0.98 6.43
N LYS A 120 17.61 1.51 5.66
CA LYS A 120 17.37 2.63 4.77
C LYS A 120 17.56 2.15 3.34
N TYR A 121 16.57 2.41 2.49
CA TYR A 121 16.53 1.88 1.13
C TYR A 121 16.45 3.04 0.14
N ASP A 122 17.38 3.04 -0.83
CA ASP A 122 17.46 4.05 -1.88
C ASP A 122 17.31 3.36 -3.22
N VAL A 123 17.45 4.15 -4.30
CA VAL A 123 17.25 3.61 -5.64
C VAL A 123 18.30 2.54 -5.96
N THR A 124 19.55 2.76 -5.52
CA THR A 124 20.62 1.80 -5.83
C THR A 124 20.41 0.46 -5.15
N ASP A 125 19.65 0.43 -4.05
CA ASP A 125 19.36 -0.85 -3.39
C ASP A 125 18.43 -1.72 -4.23
N VAL A 126 17.63 -1.11 -5.09
CA VAL A 126 16.47 -1.79 -5.68
C VAL A 126 16.47 -1.76 -7.20
N SER A 127 17.28 -0.89 -7.82
CA SER A 127 17.22 -0.65 -9.26
C SER A 127 18.47 -1.09 -10.02
N LYS A 128 19.31 -1.93 -9.43
CA LYS A 128 20.51 -2.40 -10.12
C LYS A 128 20.24 -3.65 -10.96
N ALA A 129 19.14 -4.35 -10.71
CA ALA A 129 18.86 -5.63 -11.35
C ALA A 129 17.82 -5.46 -12.45
N GLY A 130 18.10 -6.05 -13.61
CA GLY A 130 17.13 -6.10 -14.70
C GLY A 130 16.61 -4.74 -15.11
N HIS A 131 15.30 -4.66 -15.32
CA HIS A 131 14.61 -3.45 -15.71
C HIS A 131 13.90 -2.77 -14.53
N THR A 132 14.36 -3.01 -13.30
CA THR A 132 13.64 -2.51 -12.14
C THR A 132 13.64 -0.99 -12.04
N LEU A 133 14.48 -0.29 -12.80
CA LEU A 133 14.42 1.16 -12.79
C LEU A 133 13.14 1.66 -13.45
N GLU A 134 12.59 0.90 -14.39
CA GLU A 134 11.31 1.28 -15.00
C GLU A 134 10.18 1.34 -13.98
N LEU A 135 10.35 0.71 -12.82
CA LEU A 135 9.40 0.85 -11.72
C LEU A 135 9.87 1.86 -10.68
N ILE A 136 11.17 1.89 -10.38
CA ILE A 136 11.67 2.67 -9.26
C ILE A 136 11.67 4.17 -9.58
N GLU A 137 12.02 4.55 -10.81
CA GLU A 137 11.99 5.97 -11.16
C GLU A 137 10.59 6.54 -11.05
N PRO A 138 9.54 5.95 -11.63
CA PRO A 138 8.19 6.50 -11.39
C PRO A 138 7.74 6.35 -9.95
N LEU A 139 8.24 5.34 -9.22
CA LEU A 139 7.80 5.15 -7.83
C LEU A 139 8.32 6.27 -6.94
N ILE A 140 9.58 6.67 -7.10
CA ILE A 140 10.14 7.74 -6.30
C ILE A 140 9.41 9.04 -6.55
N LYS A 141 9.13 9.34 -7.83
CA LYS A 141 8.40 10.56 -8.16
C LYS A 141 7.01 10.56 -7.54
N PHE A 142 6.34 9.41 -7.55
CA PHE A 142 5.06 9.29 -6.85
C PHE A 142 5.22 9.62 -5.37
N GLN A 143 6.21 8.99 -4.72
CA GLN A 143 6.50 9.27 -3.31
C GLN A 143 6.75 10.76 -3.09
N VAL A 144 7.50 11.39 -4.00
CA VAL A 144 7.78 12.80 -3.87
C VAL A 144 6.50 13.62 -3.98
N GLY A 145 5.69 13.33 -5.00
CA GLY A 145 4.45 14.08 -5.19
C GLY A 145 3.43 13.81 -4.10
N LEU A 146 3.38 12.59 -3.58
CA LEU A 146 2.47 12.29 -2.49
C LEU A 146 2.90 12.99 -1.21
N LYS A 147 4.20 13.04 -0.94
CA LYS A 147 4.70 13.74 0.24
C LYS A 147 4.37 15.23 0.17
N LYS A 148 4.50 15.83 -1.01
CA LYS A 148 4.21 17.25 -1.19
C LYS A 148 2.73 17.59 -1.04
N LEU A 149 1.85 16.59 -0.86
CA LEU A 149 0.48 16.89 -0.50
C LEU A 149 0.31 17.10 1.00
N ASN A 150 1.30 16.69 1.80
CA ASN A 150 1.29 16.90 3.25
C ASN A 150 -0.05 16.51 3.87
N LEU A 151 -0.50 15.30 3.55
CA LEU A 151 -1.82 14.87 4.00
C LEU A 151 -1.87 14.76 5.52
N HIS A 152 -3.04 15.04 6.08
CA HIS A 152 -3.30 14.67 7.46
C HIS A 152 -3.32 13.14 7.57
N GLU A 153 -3.03 12.63 8.77
CA GLU A 153 -3.10 11.19 8.95
C GLU A 153 -4.50 10.68 8.68
N GLU A 154 -5.52 11.47 9.02
CA GLU A 154 -6.90 11.12 8.68
C GLU A 154 -7.04 10.89 7.18
N GLU A 155 -6.48 11.80 6.36
CA GLU A 155 -6.56 11.67 4.92
C GLU A 155 -5.70 10.53 4.40
N HIS A 156 -4.58 10.25 5.08
CA HIS A 156 -3.72 9.14 4.69
C HIS A 156 -4.46 7.80 4.81
N VAL A 157 -5.17 7.58 5.92
CA VAL A 157 -5.78 6.28 6.13
C VAL A 157 -7.04 6.13 5.28
N LEU A 158 -7.72 7.24 4.98
CA LEU A 158 -8.88 7.18 4.08
C LEU A 158 -8.46 6.81 2.67
N LEU A 159 -7.36 7.39 2.18
CA LEU A 159 -6.89 7.09 0.83
C LEU A 159 -6.46 5.63 0.70
N MET A 160 -5.81 5.08 1.73
CA MET A 160 -5.49 3.65 1.71
C MET A 160 -6.76 2.80 1.65
N ALA A 161 -7.76 3.16 2.44
CA ALA A 161 -9.01 2.39 2.45
C ALA A 161 -9.76 2.53 1.14
N ILE A 162 -9.80 3.75 0.58
CA ILE A 162 -10.44 3.96 -0.71
C ILE A 162 -9.73 3.14 -1.79
N CYS A 163 -8.41 3.07 -1.71
CA CYS A 163 -7.64 2.28 -2.68
C CYS A 163 -8.01 0.80 -2.61
N ILE A 164 -8.20 0.26 -1.40
CA ILE A 164 -8.49 -1.16 -1.25
C ILE A 164 -9.87 -1.48 -1.81
N VAL A 165 -10.89 -0.74 -1.39
CA VAL A 165 -12.27 -0.99 -1.79
C VAL A 165 -12.53 -0.30 -3.12
N SER A 166 -11.99 -0.85 -4.21
CA SER A 166 -12.17 -0.29 -5.55
C SER A 166 -13.13 -1.15 -6.35
N PRO A 167 -14.23 -0.60 -6.85
CA PRO A 167 -15.21 -1.41 -7.58
C PRO A 167 -14.75 -1.88 -8.96
N ASP A 168 -13.68 -1.32 -9.50
CA ASP A 168 -13.26 -1.62 -10.86
C ASP A 168 -12.16 -2.68 -10.94
N ARG A 169 -11.76 -3.26 -9.82
CA ARG A 169 -10.73 -4.29 -9.86
C ARG A 169 -11.23 -5.48 -10.66
N PRO A 170 -10.39 -6.10 -11.49
CA PRO A 170 -10.84 -7.23 -12.29
C PRO A 170 -11.27 -8.39 -11.42
N GLY A 171 -12.36 -9.05 -11.80
CA GLY A 171 -12.85 -10.20 -11.09
C GLY A 171 -13.78 -9.91 -9.94
N VAL A 172 -14.11 -8.64 -9.69
CA VAL A 172 -15.06 -8.31 -8.64
C VAL A 172 -16.43 -8.89 -9.00
N GLN A 173 -17.02 -9.63 -8.07
CA GLN A 173 -18.37 -10.14 -8.26
C GLN A 173 -19.38 -9.04 -7.96
N ASP A 174 -19.78 -8.93 -6.70
CA ASP A 174 -20.64 -7.83 -6.27
C ASP A 174 -19.86 -6.52 -6.38
N ALA A 175 -20.23 -5.67 -7.34
CA ALA A 175 -19.55 -4.39 -7.53
C ALA A 175 -20.31 -3.22 -6.94
N LYS A 176 -21.64 -3.28 -6.93
CA LYS A 176 -22.42 -2.18 -6.36
C LYS A 176 -22.14 -2.03 -4.87
N LEU A 177 -21.95 -3.14 -4.17
CA LEU A 177 -21.66 -3.06 -2.74
C LEU A 177 -20.27 -2.49 -2.49
N VAL A 178 -19.29 -2.90 -3.30
CA VAL A 178 -17.95 -2.31 -3.20
C VAL A 178 -18.03 -0.81 -3.43
N GLU A 179 -18.80 -0.39 -4.43
CA GLU A 179 -18.96 1.04 -4.70
C GLU A 179 -19.62 1.76 -3.53
N ALA A 180 -20.65 1.15 -2.93
CA ALA A 180 -21.32 1.78 -1.81
C ALA A 180 -20.37 1.96 -0.62
N ILE A 181 -19.51 0.97 -0.38
CA ILE A 181 -18.55 1.09 0.73
C ILE A 181 -17.52 2.16 0.42
N GLN A 182 -17.03 2.19 -0.83
CA GLN A 182 -16.02 3.18 -1.19
C GLN A 182 -16.59 4.60 -1.18
N ASP A 183 -17.84 4.75 -1.62
CA ASP A 183 -18.44 6.08 -1.63
C ASP A 183 -18.66 6.59 -0.22
N ARG A 184 -19.02 5.69 0.71
CA ARG A 184 -19.09 6.07 2.11
C ARG A 184 -17.76 6.63 2.60
N LEU A 185 -16.65 6.00 2.21
CA LEU A 185 -15.33 6.50 2.58
C LEU A 185 -14.98 7.75 1.78
N SER A 186 -15.34 7.77 0.50
CA SER A 186 -14.99 8.91 -0.35
C SER A 186 -15.72 10.16 0.10
N ASN A 187 -17.00 10.03 0.45
CA ASN A 187 -17.74 11.17 0.99
C ASN A 187 -17.18 11.60 2.35
N THR A 188 -16.60 10.67 3.10
CA THR A 188 -15.95 11.03 4.35
C THR A 188 -14.68 11.81 4.09
N LEU A 189 -13.92 11.45 3.06
CA LEU A 189 -12.70 12.18 2.73
C LEU A 189 -13.01 13.58 2.24
N GLN A 190 -13.96 13.71 1.28
CA GLN A 190 -14.29 15.01 0.74
C GLN A 190 -14.80 15.96 1.82
N THR A 191 -15.69 15.46 2.69
CA THR A 191 -16.19 16.29 3.78
C THR A 191 -15.09 16.62 4.77
N TYR A 192 -14.16 15.69 5.02
CA TYR A 192 -13.06 15.97 5.93
C TYR A 192 -12.20 17.12 5.42
N ILE A 193 -11.87 17.10 4.13
CA ILE A 193 -11.03 18.14 3.55
C ILE A 193 -11.68 19.51 3.72
N ARG A 194 -12.98 19.60 3.39
CA ARG A 194 -13.68 20.87 3.48
C ARG A 194 -13.74 21.37 4.92
N CYS A 195 -13.92 20.47 5.87
CA CYS A 195 -14.21 20.88 7.25
C CYS A 195 -12.96 21.09 8.11
N ARG A 196 -11.87 20.34 7.89
CA ARG A 196 -10.69 20.47 8.73
C ARG A 196 -9.37 20.65 7.99
N HIS A 197 -9.36 20.61 6.66
CA HIS A 197 -8.11 20.93 5.98
C HIS A 197 -8.18 22.36 5.50
N PRO A 198 -7.43 23.29 6.08
CA PRO A 198 -7.60 24.70 5.77
C PRO A 198 -6.89 25.07 4.48
N PRO A 199 -7.34 26.14 3.82
CA PRO A 199 -6.63 26.71 2.66
C PRO A 199 -5.26 27.24 3.09
N PRO A 200 -4.28 27.23 2.18
CA PRO A 200 -4.37 26.81 0.78
C PRO A 200 -4.10 25.33 0.54
N GLY A 201 -3.67 24.61 1.59
CA GLY A 201 -3.32 23.21 1.42
C GLY A 201 -4.44 22.35 0.88
N SER A 202 -5.69 22.71 1.18
CA SER A 202 -6.83 21.93 0.74
C SER A 202 -7.24 22.20 -0.70
N HIS A 203 -6.61 23.15 -1.37
CA HIS A 203 -6.99 23.50 -2.74
C HIS A 203 -6.76 22.30 -3.66
N GLN A 204 -7.85 21.83 -4.27
CA GLN A 204 -7.84 20.70 -5.21
C GLN A 204 -7.38 19.41 -4.57
N LEU A 205 -7.32 19.35 -3.23
CA LEU A 205 -6.65 18.23 -2.57
C LEU A 205 -7.33 16.90 -2.89
N TYR A 206 -8.67 16.88 -2.89
CA TYR A 206 -9.37 15.65 -3.20
C TYR A 206 -9.06 15.18 -4.62
N ALA A 207 -9.04 16.11 -5.58
CA ALA A 207 -8.72 15.75 -6.96
C ALA A 207 -7.27 15.30 -7.10
N LYS A 208 -6.36 15.89 -6.32
CA LYS A 208 -4.96 15.44 -6.36
C LYS A 208 -4.79 14.06 -5.73
N MET A 209 -5.58 13.76 -4.69
CA MET A 209 -5.52 12.45 -4.07
C MET A 209 -6.04 11.38 -5.01
N ILE A 210 -7.17 11.65 -5.69
CA ILE A 210 -7.70 10.70 -6.66
C ILE A 210 -6.71 10.47 -7.80
N GLN A 211 -5.99 11.52 -8.19
CA GLN A 211 -4.98 11.35 -9.24
C GLN A 211 -3.87 10.41 -8.79
N LYS A 212 -3.52 10.44 -7.51
CA LYS A 212 -2.51 9.51 -6.99
C LYS A 212 -2.99 8.07 -7.08
N LEU A 213 -4.30 7.85 -6.97
CA LEU A 213 -4.85 6.51 -7.20
C LEU A 213 -4.67 6.08 -8.66
N ALA A 214 -4.69 7.02 -9.59
CA ALA A 214 -4.43 6.69 -10.98
C ALA A 214 -2.95 6.41 -11.22
N ASP A 215 -2.08 7.17 -10.56
CA ASP A 215 -0.65 6.87 -10.62
C ASP A 215 -0.36 5.48 -10.08
N LEU A 216 -1.06 5.07 -9.02
CA LEU A 216 -0.85 3.75 -8.44
C LEU A 216 -1.21 2.63 -9.41
N ARG A 217 -2.23 2.84 -10.24
CA ARG A 217 -2.61 1.80 -11.19
C ARG A 217 -1.51 1.56 -12.21
N SER A 218 -0.83 2.62 -12.66
CA SER A 218 0.26 2.43 -13.60
C SER A 218 1.48 1.83 -12.91
N LEU A 219 1.72 2.23 -11.65
CA LEU A 219 2.77 1.59 -10.86
C LEU A 219 2.42 0.13 -10.57
N ASN A 220 1.14 -0.16 -10.34
CA ASN A 220 0.71 -1.54 -10.16
C ASN A 220 0.96 -2.36 -11.43
N GLU A 221 0.61 -1.80 -12.59
CA GLU A 221 0.81 -2.51 -13.85
C GLU A 221 2.29 -2.73 -14.13
N GLU A 222 3.14 -1.76 -13.76
CA GLU A 222 4.57 -1.95 -13.94
C GLU A 222 5.13 -2.98 -12.95
N HIS A 223 4.63 -2.97 -11.72
CA HIS A 223 5.07 -3.97 -10.74
C HIS A 223 4.68 -5.37 -11.19
N SER A 224 3.46 -5.54 -11.70
CA SER A 224 3.06 -6.84 -12.25
C SER A 224 4.05 -7.32 -13.30
N LYS A 225 4.54 -6.41 -14.14
CA LYS A 225 5.46 -6.77 -15.20
C LYS A 225 6.79 -7.25 -14.64
N GLN A 226 7.28 -6.58 -13.59
CA GLN A 226 8.58 -6.93 -13.04
C GLN A 226 8.50 -8.18 -12.17
N TYR A 227 7.39 -8.37 -11.44
CA TYR A 227 7.23 -9.60 -10.68
C TYR A 227 7.16 -10.81 -11.61
N ARG A 228 6.40 -10.70 -12.70
CA ARG A 228 6.30 -11.83 -13.64
C ARG A 228 7.68 -12.20 -14.18
N SER A 229 8.52 -11.20 -14.44
CA SER A 229 9.88 -11.49 -14.90
C SER A 229 10.72 -12.10 -13.79
N LEU A 230 10.58 -11.57 -12.57
CA LEU A 230 11.34 -12.12 -11.44
C LEU A 230 10.91 -13.54 -11.12
N SER A 231 9.60 -13.81 -11.14
CA SER A 231 9.09 -15.11 -10.72
C SER A 231 9.39 -16.20 -11.75
N PHE A 232 9.56 -15.85 -13.02
CA PHE A 232 9.84 -16.86 -14.03
C PHE A 232 11.25 -17.41 -13.92
N GLN A 233 12.12 -16.74 -13.15
CA GLN A 233 13.44 -17.29 -12.84
C GLN A 233 13.34 -18.07 -11.53
N PRO A 234 13.32 -19.40 -11.58
CA PRO A 234 13.06 -20.17 -10.35
C PRO A 234 14.08 -19.91 -9.24
N GLU A 235 15.35 -19.72 -9.59
CA GLU A 235 16.36 -19.44 -8.57
C GLU A 235 16.04 -18.17 -7.79
N ASN A 236 15.48 -17.17 -8.48
CA ASN A 236 15.08 -15.93 -7.78
C ASN A 236 13.76 -16.13 -7.04
N SER A 237 12.85 -16.91 -7.60
CA SER A 237 11.58 -17.17 -6.95
C SER A 237 11.75 -17.97 -5.66
N MET A 238 12.84 -18.73 -5.53
CA MET A 238 13.11 -19.44 -4.28
C MET A 238 13.26 -18.47 -3.12
N LYS A 239 13.75 -17.26 -3.39
CA LYS A 239 14.04 -16.29 -2.34
C LYS A 239 12.80 -15.59 -1.81
N LEU A 240 11.66 -15.76 -2.46
CA LEU A 240 10.44 -15.09 -2.03
C LEU A 240 9.87 -15.81 -0.81
N THR A 241 8.67 -15.43 -0.39
CA THR A 241 7.97 -16.06 0.71
C THR A 241 6.70 -16.72 0.20
N PRO A 242 6.15 -17.69 0.94
CA PRO A 242 4.91 -18.32 0.48
C PRO A 242 3.74 -17.35 0.34
N LEU A 243 3.65 -16.34 1.21
CA LEU A 243 2.53 -15.40 1.11
C LEU A 243 2.67 -14.49 -0.10
N VAL A 244 3.89 -14.05 -0.41
CA VAL A 244 4.10 -13.23 -1.59
C VAL A 244 3.73 -14.00 -2.85
N LEU A 245 4.16 -15.25 -2.96
CA LEU A 245 3.81 -16.07 -4.12
C LEU A 245 2.31 -16.27 -4.22
N GLU A 246 1.63 -16.41 -3.08
CA GLU A 246 0.19 -16.60 -3.11
C GLU A 246 -0.54 -15.33 -3.52
N VAL A 247 -0.12 -14.18 -2.99
CA VAL A 247 -0.83 -12.93 -3.27
C VAL A 247 -0.44 -12.37 -4.64
N PHE A 248 0.85 -12.18 -4.87
CA PHE A 248 1.30 -11.67 -6.16
C PHE A 248 1.35 -12.78 -7.20
N GLY A 249 0.37 -13.67 -7.20
CA GLY A 249 0.33 -14.77 -8.14
C GLY A 249 -1.06 -15.20 -8.54
N ASN B 1 -8.53 -21.47 -3.02
CA ASN B 1 -7.20 -21.64 -3.61
C ASN B 1 -6.26 -20.53 -3.15
N HIS B 2 -6.64 -19.82 -2.08
CA HIS B 2 -5.80 -18.83 -1.43
C HIS B 2 -5.83 -19.07 0.08
N PRO B 3 -5.28 -20.20 0.54
CA PRO B 3 -5.45 -20.56 1.95
C PRO B 3 -4.81 -19.58 2.92
N MET B 4 -3.58 -19.13 2.65
CA MET B 4 -2.90 -18.25 3.58
C MET B 4 -3.56 -16.88 3.65
N LEU B 5 -3.99 -16.33 2.51
CA LEU B 5 -4.65 -15.03 2.53
C LEU B 5 -6.04 -15.15 3.13
N MET B 6 -6.77 -16.23 2.83
CA MET B 6 -8.08 -16.41 3.43
C MET B 6 -7.99 -16.66 4.92
N ASN B 7 -6.92 -17.32 5.38
CA ASN B 7 -6.72 -17.48 6.82
C ASN B 7 -6.44 -16.13 7.48
N LEU B 8 -5.59 -15.30 6.85
CA LEU B 8 -5.39 -13.96 7.35
C LEU B 8 -6.67 -13.14 7.33
N LEU B 9 -7.67 -13.56 6.55
CA LEU B 9 -9.02 -13.01 6.64
C LEU B 9 -9.90 -13.90 7.53
#